data_5AB9
#
_entry.id   5AB9
#
_cell.length_a   64.994
_cell.length_b   71.059
_cell.length_c   105.028
_cell.angle_alpha   90.00
_cell.angle_beta   90.00
_cell.angle_gamma   90.00
#
_symmetry.space_group_name_H-M   'P 21 21 21'
#
loop_
_entity.id
_entity.type
_entity.pdbx_description
1 polymer 'CELLULAR TUMOR ANTIGEN P53'
2 non-polymer 'ZINC ION'
3 non-polymer DI(HYDROXYETHYL)ETHER
4 non-polymer 7-ethyl-3-(piperidin-4-yl)-1H-indole
5 water water
#
_entity_poly.entity_id   1
_entity_poly.type   'polypeptide(L)'
_entity_poly.pdbx_seq_one_letter_code
;SSSVPSQKTYQGSYGFRLGFLHSGTAKSVTCTYSPALNKLFCQLAKTCPVQLWVDSTPPPGTRVRAMAIYKQSQHMTEVV
RRCPHHERCSDSDGLAPPQHLIRVEGNLRAEYLDDRNTFRHSVVVPCEPPEVGSDCTTIHYNYMCYSSCMGGMNRRPILT
IITLEDSSGNLLGRDSFEVRVCACPGRDRRTEEENLRKKGEPHHELPPGSTKRALPNNT
;
_entity_poly.pdbx_strand_id   A,B
#
loop_
_chem_comp.id
_chem_comp.type
_chem_comp.name
_chem_comp.formula
92O non-polymer 7-ethyl-3-(piperidin-4-yl)-1H-indole 'C15 H20 N2'
PEG non-polymer DI(HYDROXYETHYL)ETHER 'C4 H10 O3'
ZN non-polymer 'ZINC ION' 'Zn 2'
#
# COMPACT_ATOMS: atom_id res chain seq x y z
N SER A 3 8.28 6.69 -9.43
CA SER A 3 7.54 7.94 -9.34
C SER A 3 6.71 7.98 -8.07
N VAL A 4 6.69 6.87 -7.34
CA VAL A 4 6.03 6.80 -6.04
C VAL A 4 6.86 6.00 -5.03
N PRO A 5 7.21 6.63 -3.89
CA PRO A 5 7.96 5.95 -2.84
C PRO A 5 7.18 4.78 -2.23
N SER A 6 7.86 3.67 -1.97
CA SER A 6 7.21 2.55 -1.30
C SER A 6 6.77 2.90 0.12
N GLN A 7 5.64 2.35 0.54
CA GLN A 7 5.19 2.53 1.91
C GLN A 7 5.12 1.20 2.66
N LYS A 8 5.73 0.16 2.11
CA LYS A 8 5.64 -1.16 2.71
C LYS A 8 6.44 -1.24 4.02
N THR A 9 5.77 -1.67 5.10
CA THR A 9 6.42 -1.83 6.38
C THR A 9 7.51 -2.89 6.26
N TYR A 10 8.70 -2.57 6.75
CA TYR A 10 9.84 -3.46 6.62
C TYR A 10 10.73 -3.31 7.84
N GLN A 11 10.74 -4.31 8.72
CA GLN A 11 11.57 -4.20 9.92
C GLN A 11 13.05 -4.36 9.61
N GLY A 12 13.38 -5.18 8.61
CA GLY A 12 14.77 -5.41 8.27
C GLY A 12 15.55 -6.14 9.35
N SER A 13 16.87 -6.18 9.16
CA SER A 13 17.77 -6.96 10.01
C SER A 13 17.84 -6.46 11.43
N TYR A 14 17.54 -5.17 11.64
CA TYR A 14 17.69 -4.57 12.95
C TYR A 14 16.38 -4.46 13.71
N GLY A 15 15.28 -4.92 13.12
CA GLY A 15 13.99 -4.88 13.79
C GLY A 15 13.46 -3.46 13.97
N PHE A 16 13.55 -2.67 12.90
CA PHE A 16 13.16 -1.26 12.96
C PHE A 16 11.66 -1.06 13.00
N ARG A 17 11.19 -0.23 13.93
CA ARG A 17 9.79 0.20 13.93
C ARG A 17 9.65 1.48 14.73
N LEU A 18 8.53 2.17 14.52
CA LEU A 18 8.26 3.42 15.22
C LEU A 18 7.51 3.18 16.51
N GLY A 19 7.50 4.19 17.37
CA GLY A 19 6.64 4.19 18.53
C GLY A 19 6.13 5.59 18.79
N PHE A 20 4.98 5.68 19.45
CA PHE A 20 4.36 6.96 19.75
C PHE A 20 3.97 7.05 21.20
N LEU A 21 4.02 8.25 21.74
CA LEU A 21 3.56 8.50 23.11
C LEU A 21 2.06 8.31 23.23
N HIS A 22 1.58 8.25 24.46
CA HIS A 22 0.14 8.18 24.71
C HIS A 22 -0.35 9.49 25.30
N SER A 23 -0.73 10.40 24.42
CA SER A 23 -1.01 11.77 24.79
C SER A 23 -2.46 12.06 25.10
N GLY A 24 -3.35 11.14 24.76
CA GLY A 24 -4.77 11.30 25.04
C GLY A 24 -5.47 12.21 24.04
N THR A 25 -6.74 12.49 24.30
CA THR A 25 -7.54 13.25 23.34
C THR A 25 -8.23 14.47 23.92
N ALA A 26 -7.68 15.03 25.00
CA ALA A 26 -8.21 16.25 25.58
C ALA A 26 -8.17 17.37 24.55
N LYS A 27 -9.07 18.35 24.70
CA LYS A 27 -9.18 19.43 23.74
C LYS A 27 -7.88 20.21 23.60
N SER A 28 -7.08 20.21 24.67
CA SER A 28 -5.83 20.97 24.70
C SER A 28 -4.62 20.24 24.10
N VAL A 29 -4.78 18.97 23.73
CA VAL A 29 -3.64 18.20 23.25
C VAL A 29 -3.14 18.73 21.90
N THR A 30 -1.83 18.75 21.70
CA THR A 30 -1.25 19.35 20.50
C THR A 30 -0.78 18.31 19.49
N CYS A 31 -0.62 17.08 19.95
CA CYS A 31 -0.14 15.99 19.12
C CYS A 31 -0.66 14.70 19.76
N THR A 32 -1.33 13.87 18.98
CA THR A 32 -1.84 12.63 19.52
C THR A 32 -1.93 11.56 18.43
N TYR A 33 -1.57 10.34 18.80
CA TYR A 33 -1.48 9.24 17.85
C TYR A 33 -2.57 8.21 18.10
N SER A 34 -3.24 7.80 17.02
CA SER A 34 -4.26 6.76 17.06
C SER A 34 -3.73 5.45 16.52
N PRO A 35 -3.51 4.46 17.40
CA PRO A 35 -3.08 3.17 16.88
C PRO A 35 -4.16 2.50 16.01
N ALA A 36 -5.43 2.69 16.35
CA ALA A 36 -6.50 2.04 15.60
C ALA A 36 -6.53 2.53 14.15
N LEU A 37 -6.18 3.80 13.95
CA LEU A 37 -6.18 4.41 12.62
C LEU A 37 -4.78 4.45 12.00
N ASN A 38 -3.75 4.08 12.77
CA ASN A 38 -2.33 4.37 12.45
C ASN A 38 -2.20 5.79 11.93
N LYS A 39 -2.62 6.75 12.72
CA LYS A 39 -2.74 8.12 12.27
C LYS A 39 -2.35 9.08 13.38
N LEU A 40 -1.44 9.99 13.05
CA LEU A 40 -1.01 11.06 13.92
C LEU A 40 -1.85 12.30 13.65
N PHE A 41 -2.38 12.92 14.70
CA PHE A 41 -3.12 14.18 14.61
C PHE A 41 -2.30 15.24 15.31
N CYS A 42 -2.02 16.35 14.64
CA CYS A 42 -1.19 17.37 15.28
C CYS A 42 -1.56 18.77 14.85
N GLN A 43 -1.25 19.73 15.71
CA GLN A 43 -1.38 21.15 15.37
C GLN A 43 -0.22 21.61 14.51
N LEU A 44 -0.43 22.74 13.85
CA LEU A 44 0.54 23.34 12.97
C LEU A 44 1.83 23.71 13.69
N ALA A 45 2.95 23.20 13.18
CA ALA A 45 4.30 23.55 13.63
C ALA A 45 4.58 23.18 15.10
N LYS A 46 3.80 22.26 15.65
CA LYS A 46 4.02 21.82 17.01
C LYS A 46 4.86 20.54 17.04
N THR A 47 5.53 20.31 18.15
CA THR A 47 6.42 19.17 18.31
C THR A 47 5.69 17.84 18.20
N CYS A 48 6.17 16.97 17.32
CA CYS A 48 5.63 15.62 17.19
C CYS A 48 6.72 14.62 17.51
N PRO A 49 6.70 14.06 18.73
CA PRO A 49 7.75 13.09 19.11
C PRO A 49 7.46 11.74 18.48
N VAL A 50 8.47 11.20 17.79
CA VAL A 50 8.36 9.89 17.20
C VAL A 50 9.52 9.04 17.71
N GLN A 51 9.21 7.90 18.30
CA GLN A 51 10.23 6.99 18.80
C GLN A 51 10.76 6.07 17.72
N LEU A 52 12.05 5.83 17.77
CA LEU A 52 12.73 4.90 16.86
C LEU A 52 13.21 3.69 17.65
N TRP A 53 12.64 2.54 17.34
CA TRP A 53 12.96 1.28 18.01
C TRP A 53 13.69 0.34 17.07
N VAL A 54 14.74 -0.30 17.57
CA VAL A 54 15.36 -1.44 16.89
C VAL A 54 15.64 -2.51 17.93
N ASP A 55 15.85 -3.74 17.48
CA ASP A 55 16.25 -4.83 18.37
C ASP A 55 17.75 -4.84 18.60
N SER A 56 18.51 -4.36 17.62
CA SER A 56 19.96 -4.30 17.74
C SER A 56 20.46 -3.05 17.05
N THR A 57 21.61 -2.57 17.49
CA THR A 57 22.14 -1.30 17.02
C THR A 57 22.59 -1.40 15.56
N PRO A 58 22.10 -0.50 14.70
CA PRO A 58 22.60 -0.49 13.32
C PRO A 58 23.97 0.16 13.25
N PRO A 59 24.67 0.02 12.11
CA PRO A 59 26.05 0.50 12.01
C PRO A 59 26.19 2.03 12.07
N PRO A 60 27.38 2.51 12.49
CA PRO A 60 27.67 3.94 12.40
C PRO A 60 27.45 4.44 10.97
N GLY A 61 26.79 5.58 10.82
CA GLY A 61 26.52 6.11 9.50
C GLY A 61 25.10 5.84 9.05
N THR A 62 24.39 5.01 9.79
CA THR A 62 22.95 4.81 9.56
C THR A 62 22.21 6.14 9.73
N ARG A 63 21.22 6.37 8.87
CA ARG A 63 20.43 7.60 8.94
C ARG A 63 18.93 7.29 8.96
N VAL A 64 18.15 8.31 9.31
CA VAL A 64 16.70 8.20 9.41
C VAL A 64 16.08 9.31 8.58
N ARG A 65 15.30 8.93 7.57
CA ARG A 65 14.69 9.88 6.64
C ARG A 65 13.18 9.92 6.82
N ALA A 66 12.59 11.12 6.71
CA ALA A 66 11.14 11.29 6.70
C ALA A 66 10.72 11.95 5.40
N MET A 67 9.62 11.47 4.84
CA MET A 67 9.07 11.98 3.58
C MET A 67 7.56 11.86 3.64
N ALA A 68 6.85 12.83 3.09
CA ALA A 68 5.39 12.78 3.00
C ALA A 68 4.96 12.43 1.59
N ILE A 69 3.93 11.60 1.46
CA ILE A 69 3.27 11.36 0.18
C ILE A 69 1.76 11.46 0.39
N TYR A 70 1.01 11.73 -0.69
CA TYR A 70 -0.44 11.67 -0.58
C TYR A 70 -0.88 10.22 -0.42
N LYS A 71 -1.89 10.01 0.42
CA LYS A 71 -2.35 8.67 0.73
C LYS A 71 -3.20 8.09 -0.40
N GLN A 72 -3.99 8.94 -1.06
CA GLN A 72 -4.88 8.47 -2.13
C GLN A 72 -4.10 8.21 -3.41
N SER A 73 -4.33 7.06 -4.03
CA SER A 73 -3.55 6.64 -5.19
CA SER A 73 -3.57 6.63 -5.20
C SER A 73 -3.60 7.66 -6.33
N GLN A 74 -4.74 8.30 -6.54
CA GLN A 74 -4.88 9.25 -7.63
C GLN A 74 -4.09 10.55 -7.40
N HIS A 75 -3.54 10.74 -6.20
CA HIS A 75 -2.72 11.92 -5.92
C HIS A 75 -1.28 11.56 -5.59
N MET A 76 -0.95 10.27 -5.59
CA MET A 76 0.33 9.87 -5.04
CA MET A 76 0.35 9.80 -5.09
C MET A 76 1.55 10.33 -5.85
N THR A 77 1.39 10.63 -7.14
CA THR A 77 2.53 11.12 -7.91
C THR A 77 2.76 12.62 -7.72
N GLU A 78 1.86 13.30 -7.02
CA GLU A 78 2.04 14.73 -6.75
C GLU A 78 2.95 14.95 -5.55
N VAL A 79 3.95 15.82 -5.69
CA VAL A 79 4.84 16.13 -4.59
C VAL A 79 4.09 16.84 -3.47
N VAL A 80 4.21 16.35 -2.25
CA VAL A 80 3.66 17.03 -1.08
C VAL A 80 4.55 18.20 -0.72
N ARG A 81 3.98 19.40 -0.68
CA ARG A 81 4.74 20.60 -0.38
C ARG A 81 3.89 21.58 0.40
N ARG A 82 4.53 22.59 0.98
CA ARG A 82 3.75 23.63 1.62
C ARG A 82 2.97 24.46 0.61
N CYS A 83 1.87 25.03 1.09
CA CYS A 83 0.92 25.78 0.28
C CYS A 83 1.52 27.14 -0.12
N PRO A 84 0.86 27.84 -1.07
CA PRO A 84 1.44 29.10 -1.54
C PRO A 84 1.55 30.17 -0.46
N HIS A 85 0.71 30.09 0.58
CA HIS A 85 0.84 31.01 1.69
C HIS A 85 2.03 30.65 2.59
N HIS A 86 2.06 29.42 3.10
CA HIS A 86 3.06 29.07 4.08
C HIS A 86 4.48 29.00 3.53
N GLU A 87 4.65 28.71 2.23
CA GLU A 87 6.01 28.70 1.70
C GLU A 87 6.58 30.12 1.65
N ARG A 88 5.72 31.15 1.76
CA ARG A 88 6.14 32.54 1.73
C ARG A 88 6.07 33.28 3.06
N CYS A 89 5.85 32.58 4.17
N CYS A 89 5.87 32.55 4.15
CA CYS A 89 5.64 33.32 5.42
CA CYS A 89 5.67 33.14 5.47
C CYS A 89 6.92 33.51 6.24
C CYS A 89 6.93 33.62 6.16
N SER A 90 8.08 33.19 5.65
CA SER A 90 9.38 33.51 6.26
C SER A 90 9.49 32.99 7.69
N ASP A 91 9.18 31.72 7.88
CA ASP A 91 9.24 31.11 9.20
C ASP A 91 10.35 30.07 9.27
N SER A 92 11.36 30.20 8.40
CA SER A 92 12.43 29.22 8.34
C SER A 92 13.25 29.21 9.64
N ASP A 93 13.79 28.05 9.96
CA ASP A 93 14.67 27.90 11.11
C ASP A 93 16.12 28.11 10.70
N GLY A 94 16.33 28.52 9.45
CA GLY A 94 17.66 28.73 8.92
C GLY A 94 18.27 27.49 8.29
N LEU A 95 17.52 26.38 8.30
CA LEU A 95 18.01 25.12 7.77
C LEU A 95 17.00 24.49 6.80
N ALA A 96 15.74 24.43 7.20
CA ALA A 96 14.69 23.87 6.34
C ALA A 96 14.35 24.84 5.21
N PRO A 97 14.32 24.34 3.96
CA PRO A 97 13.80 25.20 2.88
C PRO A 97 12.34 25.52 3.16
N PRO A 98 11.88 26.72 2.80
CA PRO A 98 10.51 27.14 3.13
C PRO A 98 9.42 26.31 2.47
N GLN A 99 9.77 25.54 1.42
CA GLN A 99 8.78 24.69 0.75
C GLN A 99 8.49 23.38 1.47
N HIS A 100 9.39 22.95 2.36
CA HIS A 100 9.28 21.62 2.97
C HIS A 100 8.21 21.55 4.05
N LEU A 101 7.32 20.57 3.92
CA LEU A 101 6.28 20.33 4.92
C LEU A 101 6.85 19.84 6.24
N ILE A 102 7.76 18.87 6.17
CA ILE A 102 8.27 18.24 7.37
C ILE A 102 9.62 18.82 7.77
N ARG A 103 9.72 19.27 9.02
CA ARG A 103 10.99 19.70 9.61
C ARG A 103 11.37 18.81 10.76
N VAL A 104 12.67 18.72 11.03
CA VAL A 104 13.16 18.14 12.26
C VAL A 104 13.53 19.29 13.19
N GLU A 105 13.06 19.19 14.42
CA GLU A 105 13.29 20.21 15.43
C GLU A 105 14.54 19.90 16.26
N GLY A 106 15.37 20.91 16.48
CA GLY A 106 16.48 20.80 17.42
C GLY A 106 17.56 19.79 17.06
N ASN A 107 17.86 19.66 15.77
CA ASN A 107 18.95 18.81 15.35
C ASN A 107 19.75 19.50 14.25
N LEU A 108 20.92 20.01 14.62
CA LEU A 108 21.73 20.78 13.68
C LEU A 108 22.33 19.93 12.57
N ARG A 109 22.23 18.61 12.68
CA ARG A 109 22.76 17.72 11.67
C ARG A 109 21.67 17.27 10.69
N ALA A 110 20.49 17.84 10.83
CA ALA A 110 19.41 17.56 9.89
C ALA A 110 19.80 18.06 8.49
N GLU A 111 19.53 17.24 7.48
CA GLU A 111 19.75 17.64 6.10
C GLU A 111 18.44 17.56 5.33
N TYR A 112 18.22 18.55 4.49
CA TYR A 112 16.99 18.64 3.72
C TYR A 112 17.30 18.38 2.26
N LEU A 113 16.59 17.43 1.68
CA LEU A 113 16.84 17.03 0.31
C LEU A 113 15.69 17.42 -0.61
N ASP A 114 16.03 18.05 -1.74
CA ASP A 114 15.14 18.17 -2.88
CA ASP A 114 15.12 18.15 -2.87
C ASP A 114 15.63 17.19 -3.92
N ASP A 115 14.90 16.09 -4.13
CA ASP A 115 15.37 15.04 -5.03
C ASP A 115 15.49 15.56 -6.46
N ARG A 116 16.66 15.37 -7.06
CA ARG A 116 16.92 15.94 -8.38
C ARG A 116 16.10 15.29 -9.49
N ASN A 117 15.62 14.08 -9.24
CA ASN A 117 14.85 13.34 -10.23
C ASN A 117 13.35 13.36 -9.98
N THR A 118 12.95 13.17 -8.72
CA THR A 118 11.53 13.07 -8.38
C THR A 118 10.96 14.38 -7.87
N PHE A 119 11.85 15.30 -7.47
CA PHE A 119 11.49 16.59 -6.88
C PHE A 119 10.83 16.47 -5.51
N ARG A 120 10.84 15.28 -4.93
CA ARG A 120 10.24 15.13 -3.61
C ARG A 120 11.16 15.67 -2.52
N HIS A 121 10.53 16.09 -1.43
CA HIS A 121 11.24 16.64 -0.29
C HIS A 121 11.41 15.57 0.77
N SER A 122 12.53 15.64 1.48
CA SER A 122 12.69 14.80 2.65
C SER A 122 13.68 15.43 3.61
N VAL A 123 13.66 14.95 4.85
CA VAL A 123 14.59 15.43 5.84
C VAL A 123 15.20 14.21 6.51
N VAL A 124 16.53 14.24 6.63
CA VAL A 124 17.27 13.08 7.11
C VAL A 124 18.22 13.48 8.21
N VAL A 125 18.34 12.64 9.24
CA VAL A 125 19.26 12.86 10.35
C VAL A 125 20.09 11.62 10.61
N PRO A 126 21.27 11.80 11.21
CA PRO A 126 22.02 10.61 11.63
C PRO A 126 21.25 9.82 12.67
N CYS A 127 21.32 8.50 12.58
CA CYS A 127 20.70 7.65 13.56
C CYS A 127 21.60 7.63 14.79
N GLU A 128 21.07 8.03 15.92
CA GLU A 128 21.83 8.06 17.17
C GLU A 128 21.24 7.07 18.16
N PRO A 129 22.10 6.43 18.96
CA PRO A 129 21.62 5.50 19.99
CA PRO A 129 21.65 5.50 20.01
C PRO A 129 20.92 6.23 21.12
N PRO A 130 20.09 5.52 21.89
CA PRO A 130 19.38 6.15 23.01
C PRO A 130 20.32 6.76 24.05
N GLU A 131 19.86 7.79 24.74
CA GLU A 131 20.57 8.33 25.89
C GLU A 131 20.68 7.27 26.97
N VAL A 132 21.69 7.37 27.83
CA VAL A 132 21.81 6.46 28.95
C VAL A 132 20.55 6.54 29.79
N GLY A 133 19.93 5.38 30.05
CA GLY A 133 18.68 5.34 30.78
C GLY A 133 17.45 5.25 29.89
N SER A 134 17.64 5.39 28.58
CA SER A 134 16.53 5.30 27.64
C SER A 134 16.59 4.02 26.82
N ASP A 135 15.42 3.57 26.36
CA ASP A 135 15.31 2.34 25.59
C ASP A 135 15.13 2.60 24.09
N CYS A 136 14.94 3.86 23.73
CA CYS A 136 14.75 4.21 22.33
C CYS A 136 15.24 5.64 22.09
N THR A 137 15.33 6.00 20.81
CA THR A 137 15.69 7.35 20.41
C THR A 137 14.42 8.05 19.94
N THR A 138 14.31 9.34 20.24
CA THR A 138 13.14 10.09 19.82
C THR A 138 13.57 11.21 18.87
N ILE A 139 12.85 11.33 17.77
CA ILE A 139 13.03 12.44 16.83
CA ILE A 139 13.06 12.45 16.87
C ILE A 139 11.82 13.35 16.97
N HIS A 140 12.05 14.65 16.93
CA HIS A 140 10.95 15.61 17.02
CA HIS A 140 10.95 15.60 17.03
C HIS A 140 10.68 16.23 15.67
N TYR A 141 9.51 15.94 15.11
CA TYR A 141 9.12 16.50 13.82
C TYR A 141 8.14 17.64 13.97
N ASN A 142 8.10 18.52 12.98
CA ASN A 142 7.09 19.56 12.86
C ASN A 142 6.46 19.47 11.49
N TYR A 143 5.15 19.67 11.41
CA TYR A 143 4.46 19.73 10.13
C TYR A 143 4.02 21.16 9.90
N MET A 144 4.39 21.73 8.76
CA MET A 144 4.37 23.18 8.60
C MET A 144 3.23 23.76 7.75
N CYS A 145 2.22 22.92 7.47
CA CYS A 145 0.97 23.33 6.82
C CYS A 145 -0.16 22.53 7.43
N TYR A 146 -1.37 23.08 7.41
CA TYR A 146 -2.57 22.33 7.75
C TYR A 146 -2.95 21.40 6.61
N SER A 147 -3.56 20.25 6.94
CA SER A 147 -4.11 19.38 5.91
C SER A 147 -5.07 20.14 4.99
N SER A 148 -5.74 21.15 5.54
CA SER A 148 -6.75 21.90 4.80
C SER A 148 -6.21 23.04 3.94
N CYS A 149 -4.89 23.29 3.97
CA CYS A 149 -4.35 24.46 3.24
C CYS A 149 -4.63 24.41 1.74
N MET A 150 -5.30 25.44 1.25
CA MET A 150 -5.63 25.49 -0.15
C MET A 150 -4.40 25.75 -1.00
N GLY A 151 -4.32 25.08 -2.14
CA GLY A 151 -3.15 25.17 -2.99
C GLY A 151 -2.00 24.34 -2.50
N GLY A 152 -2.19 23.67 -1.35
CA GLY A 152 -1.21 22.74 -0.81
C GLY A 152 -1.87 21.39 -0.65
N MET A 153 -1.89 20.85 0.57
CA MET A 153 -2.51 19.53 0.74
C MET A 153 -4.00 19.52 0.39
N ASN A 154 -4.68 20.65 0.58
CA ASN A 154 -6.03 20.80 0.03
C ASN A 154 -7.04 19.75 0.51
N ARG A 155 -6.95 19.45 1.81
CA ARG A 155 -7.81 18.48 2.50
CA ARG A 155 -7.81 18.48 2.52
C ARG A 155 -7.52 17.02 2.14
N ARG A 156 -6.47 16.79 1.36
CA ARG A 156 -6.06 15.43 1.00
C ARG A 156 -5.21 14.82 2.11
N PRO A 157 -5.55 13.59 2.53
CA PRO A 157 -4.72 12.92 3.54
CA PRO A 157 -4.71 12.94 3.54
C PRO A 157 -3.31 12.61 3.04
N ILE A 158 -2.35 12.66 3.95
CA ILE A 158 -0.98 12.27 3.64
C ILE A 158 -0.51 11.16 4.56
N LEU A 159 0.53 10.48 4.09
CA LEU A 159 1.30 9.53 4.89
CA LEU A 159 1.29 9.52 4.88
C LEU A 159 2.70 10.08 5.09
N THR A 160 3.27 9.87 6.27
CA THR A 160 4.69 10.06 6.47
C THR A 160 5.34 8.69 6.42
N ILE A 161 6.39 8.59 5.61
CA ILE A 161 7.20 7.39 5.51
C ILE A 161 8.55 7.64 6.19
N ILE A 162 8.88 6.80 7.18
CA ILE A 162 10.16 6.90 7.87
C ILE A 162 11.02 5.74 7.45
N THR A 163 12.18 6.04 6.89
CA THR A 163 13.08 4.97 6.45
CA THR A 163 13.10 5.02 6.40
C THR A 163 14.40 5.02 7.19
N LEU A 164 14.83 3.85 7.59
CA LEU A 164 16.15 3.65 8.16
C LEU A 164 17.04 3.30 6.97
N GLU A 165 18.13 4.04 6.79
CA GLU A 165 19.00 3.94 5.61
C GLU A 165 20.45 3.74 6.00
N ASP A 166 21.21 3.05 5.15
CA ASP A 166 22.65 3.00 5.40
C ASP A 166 23.29 4.28 4.85
N SER A 167 24.62 4.37 4.93
CA SER A 167 25.30 5.60 4.58
C SER A 167 25.18 5.96 3.10
N SER A 168 24.86 4.98 2.26
CA SER A 168 24.61 5.19 0.83
C SER A 168 23.17 5.52 0.48
N GLY A 169 22.29 5.42 1.47
CA GLY A 169 20.88 5.67 1.23
C GLY A 169 20.12 4.39 0.93
N ASN A 170 20.78 3.24 1.03
CA ASN A 170 20.10 1.96 0.83
C ASN A 170 19.14 1.64 1.99
N LEU A 171 18.06 0.95 1.67
CA LEU A 171 17.02 0.64 2.64
C LEU A 171 17.44 -0.38 3.70
N LEU A 172 17.26 -0.01 4.97
CA LEU A 172 17.44 -0.94 6.08
C LEU A 172 16.13 -1.27 6.79
N GLY A 173 15.18 -0.35 6.76
CA GLY A 173 13.92 -0.52 7.46
C GLY A 173 12.97 0.58 7.02
N ARG A 174 11.68 0.33 7.16
CA ARG A 174 10.66 1.30 6.78
C ARG A 174 9.42 1.15 7.66
N ASP A 175 8.82 2.28 8.01
CA ASP A 175 7.55 2.30 8.73
C ASP A 175 6.80 3.54 8.25
N SER A 176 5.52 3.66 8.56
CA SER A 176 4.74 4.79 8.07
C SER A 176 3.50 5.01 8.91
N PHE A 177 2.93 6.20 8.79
CA PHE A 177 1.72 6.56 9.49
C PHE A 177 1.01 7.68 8.75
N GLU A 178 -0.31 7.70 8.83
CA GLU A 178 -1.08 8.80 8.27
C GLU A 178 -0.94 10.02 9.17
N VAL A 179 -1.04 11.22 8.60
CA VAL A 179 -1.00 12.44 9.38
C VAL A 179 -2.15 13.35 9.01
N ARG A 180 -2.81 13.92 10.02
CA ARG A 180 -3.70 15.04 9.83
C ARG A 180 -3.17 16.22 10.64
N VAL A 181 -2.93 17.34 9.97
CA VAL A 181 -2.51 18.55 10.66
C VAL A 181 -3.72 19.44 10.77
N CYS A 182 -4.15 19.73 12.00
CA CYS A 182 -5.43 20.36 12.21
C CYS A 182 -5.45 21.18 13.49
N ALA A 183 -6.48 21.99 13.67
CA ALA A 183 -6.55 22.87 14.81
C ALA A 183 -6.82 22.15 16.12
N CYS A 184 -7.60 21.06 16.07
CA CYS A 184 -7.99 20.35 17.29
CA CYS A 184 -8.01 20.35 17.28
C CYS A 184 -7.78 18.84 17.16
N PRO A 185 -6.53 18.41 17.31
CA PRO A 185 -6.18 16.99 17.15
C PRO A 185 -6.96 16.04 18.07
N GLY A 186 -7.20 16.45 19.30
CA GLY A 186 -7.92 15.60 20.24
C GLY A 186 -9.34 15.31 19.79
N ARG A 187 -10.05 16.35 19.39
CA ARG A 187 -11.41 16.21 18.90
C ARG A 187 -11.44 15.39 17.61
N ASP A 188 -10.51 15.68 16.70
CA ASP A 188 -10.54 14.98 15.42
C ASP A 188 -10.18 13.51 15.60
N ARG A 189 -9.23 13.20 16.49
CA ARG A 189 -8.94 11.79 16.76
C ARG A 189 -10.17 11.07 17.32
N ARG A 190 -10.85 11.69 18.28
CA ARG A 190 -12.04 11.07 18.86
CA ARG A 190 -12.06 11.10 18.86
C ARG A 190 -13.12 10.83 17.81
N THR A 191 -13.34 11.82 16.94
CA THR A 191 -14.34 11.70 15.89
C THR A 191 -14.00 10.59 14.91
N GLU A 192 -12.75 10.52 14.47
CA GLU A 192 -12.41 9.52 13.47
C GLU A 192 -12.39 8.12 14.08
N GLU A 193 -11.99 8.00 15.34
CA GLU A 193 -12.04 6.69 16.01
C GLU A 193 -13.48 6.22 16.21
N GLU A 194 -14.39 7.16 16.48
CA GLU A 194 -15.80 6.80 16.59
C GLU A 194 -16.38 6.41 15.23
N ASN A 195 -15.98 7.15 14.19
CA ASN A 195 -16.42 6.81 12.83
C ASN A 195 -15.97 5.41 12.44
N LEU A 196 -14.76 5.05 12.83
CA LEU A 196 -14.22 3.71 12.54
C LEU A 196 -15.00 2.64 13.29
N ARG A 197 -15.41 2.95 14.51
CA ARG A 197 -16.13 1.99 15.35
C ARG A 197 -17.55 1.74 14.84
N SER B 2 -7.88 -11.72 -29.31
CA SER B 2 -6.69 -12.37 -28.81
C SER B 2 -6.96 -13.81 -28.39
N SER B 3 -5.93 -14.66 -28.45
CA SER B 3 -6.04 -16.06 -28.04
CA SER B 3 -6.04 -16.06 -28.04
C SER B 3 -6.44 -16.15 -26.57
N VAL B 4 -7.08 -17.26 -26.20
CA VAL B 4 -7.62 -17.39 -24.83
C VAL B 4 -6.80 -18.32 -23.94
N PRO B 5 -6.23 -17.75 -22.88
CA PRO B 5 -5.45 -18.52 -21.90
C PRO B 5 -6.30 -19.60 -21.26
N SER B 6 -5.70 -20.76 -21.02
CA SER B 6 -6.40 -21.85 -20.37
C SER B 6 -6.77 -21.49 -18.94
N GLN B 7 -7.95 -21.92 -18.50
CA GLN B 7 -8.33 -21.76 -17.11
C GLN B 7 -8.42 -23.11 -16.40
N LYS B 8 -7.96 -24.18 -17.05
CA LYS B 8 -8.10 -25.52 -16.49
C LYS B 8 -7.24 -25.71 -15.24
N THR B 9 -7.87 -26.17 -14.17
CA THR B 9 -7.14 -26.47 -12.95
C THR B 9 -6.07 -27.54 -13.20
N TYR B 10 -4.87 -27.29 -12.71
CA TYR B 10 -3.75 -28.19 -12.94
C TYR B 10 -2.80 -28.12 -11.75
N GLN B 11 -2.82 -29.13 -10.88
CA GLN B 11 -1.98 -29.06 -9.70
C GLN B 11 -0.50 -29.23 -10.02
N GLY B 12 -0.19 -30.02 -11.03
CA GLY B 12 1.19 -30.23 -11.41
C GLY B 12 1.99 -31.02 -10.40
N SER B 13 3.29 -31.08 -10.61
CA SER B 13 4.17 -31.92 -9.81
CA SER B 13 4.14 -31.95 -9.79
C SER B 13 4.27 -31.49 -8.35
N TYR B 14 4.05 -30.21 -8.08
CA TYR B 14 4.21 -29.69 -6.73
C TYR B 14 2.90 -29.64 -5.94
N GLY B 15 1.78 -30.04 -6.54
CA GLY B 15 0.49 -30.01 -5.86
C GLY B 15 0.00 -28.58 -5.59
N PHE B 16 0.11 -27.73 -6.61
CA PHE B 16 -0.24 -26.31 -6.48
C PHE B 16 -1.74 -26.08 -6.43
N ARG B 17 -2.17 -25.26 -5.46
CA ARG B 17 -3.55 -24.79 -5.43
C ARG B 17 -3.66 -23.54 -4.57
N LEU B 18 -4.77 -22.83 -4.74
CA LEU B 18 -4.99 -21.59 -4.00
C LEU B 18 -5.72 -21.84 -2.69
N GLY B 19 -5.70 -20.83 -1.83
CA GLY B 19 -6.55 -20.83 -0.66
C GLY B 19 -6.96 -19.40 -0.34
N PHE B 20 -8.05 -19.26 0.41
CA PHE B 20 -8.59 -17.95 0.75
C PHE B 20 -8.92 -17.90 2.23
N LEU B 21 -8.78 -16.72 2.82
CA LEU B 21 -9.21 -16.48 4.18
C LEU B 21 -10.71 -16.67 4.33
N HIS B 22 -11.17 -16.86 5.56
CA HIS B 22 -12.59 -16.92 5.84
C HIS B 22 -13.00 -15.62 6.51
N SER B 23 -13.37 -14.65 5.68
CA SER B 23 -13.56 -13.28 6.14
C SER B 23 -15.00 -12.93 6.46
N GLY B 24 -15.94 -13.81 6.14
CA GLY B 24 -17.34 -13.58 6.47
C GLY B 24 -18.02 -12.60 5.54
N THR B 25 -19.25 -12.23 5.87
CA THR B 25 -20.06 -11.42 4.95
C THR B 25 -20.66 -10.18 5.60
N ALA B 26 -20.02 -9.68 6.66
CA ALA B 26 -20.46 -8.44 7.29
C ALA B 26 -20.42 -7.29 6.29
N LYS B 27 -21.23 -6.26 6.57
CA LYS B 27 -21.31 -5.09 5.70
C LYS B 27 -19.94 -4.43 5.47
N SER B 28 -19.10 -4.48 6.50
CA SER B 28 -17.82 -3.78 6.48
C SER B 28 -16.71 -4.54 5.76
N VAL B 29 -16.95 -5.79 5.40
CA VAL B 29 -15.89 -6.62 4.83
CA VAL B 29 -15.92 -6.65 4.79
C VAL B 29 -15.42 -6.06 3.47
N THR B 30 -14.11 -6.09 3.27
CA THR B 30 -13.53 -5.51 2.05
C THR B 30 -13.19 -6.56 1.00
N CYS B 31 -13.07 -7.81 1.43
CA CYS B 31 -12.74 -8.91 0.54
C CYS B 31 -13.29 -10.18 1.17
N THR B 32 -14.05 -10.97 0.42
CA THR B 32 -14.58 -12.21 0.95
C THR B 32 -14.74 -13.24 -0.18
N TYR B 33 -14.41 -14.49 0.13
CA TYR B 33 -14.40 -15.55 -0.88
C TYR B 33 -15.53 -16.55 -0.64
N SER B 34 -16.23 -16.90 -1.70
CA SER B 34 -17.28 -17.91 -1.66
C SER B 34 -16.80 -19.23 -2.25
N PRO B 35 -16.58 -20.25 -1.40
CA PRO B 35 -16.22 -21.55 -1.96
C PRO B 35 -17.34 -22.16 -2.81
N ALA B 36 -18.59 -21.92 -2.44
CA ALA B 36 -19.70 -22.52 -3.19
C ALA B 36 -19.74 -21.98 -4.62
N LEU B 37 -19.37 -20.72 -4.79
CA LEU B 37 -19.37 -20.07 -6.09
C LEU B 37 -18.00 -20.06 -6.76
N ASN B 38 -16.96 -20.48 -6.03
CA ASN B 38 -15.54 -20.22 -6.40
C ASN B 38 -15.38 -18.79 -6.88
N LYS B 39 -15.78 -17.85 -6.04
CA LYS B 39 -15.87 -16.46 -6.43
C LYS B 39 -15.41 -15.55 -5.31
N LEU B 40 -14.47 -14.66 -5.65
CA LEU B 40 -13.98 -13.64 -4.76
C LEU B 40 -14.78 -12.35 -4.98
N PHE B 41 -15.23 -11.74 -3.88
CA PHE B 41 -15.95 -10.47 -3.91
C PHE B 41 -15.08 -9.45 -3.21
N CYS B 42 -14.80 -8.32 -3.84
CA CYS B 42 -13.94 -7.36 -3.20
C CYS B 42 -14.27 -5.93 -3.55
N GLN B 43 -13.87 -5.01 -2.68
CA GLN B 43 -14.02 -3.58 -2.96
C GLN B 43 -12.90 -3.11 -3.88
N LEU B 44 -13.15 -1.97 -4.51
CA LEU B 44 -12.18 -1.37 -5.42
C LEU B 44 -10.84 -1.06 -4.74
N ALA B 45 -9.77 -1.61 -5.32
CA ALA B 45 -8.38 -1.35 -4.94
C ALA B 45 -8.02 -1.76 -3.51
N LYS B 46 -8.85 -2.57 -2.88
CA LYS B 46 -8.55 -3.04 -1.53
C LYS B 46 -7.73 -4.33 -1.57
N THR B 47 -7.07 -4.64 -0.45
CA THR B 47 -6.25 -5.83 -0.34
C THR B 47 -7.04 -7.11 -0.49
N CYS B 48 -6.62 -7.96 -1.43
CA CYS B 48 -7.18 -9.29 -1.61
C CYS B 48 -6.12 -10.34 -1.35
N PRO B 49 -6.14 -10.95 -0.17
CA PRO B 49 -5.14 -11.98 0.13
C PRO B 49 -5.46 -13.29 -0.56
N VAL B 50 -4.48 -13.83 -1.26
CA VAL B 50 -4.61 -15.12 -1.91
C VAL B 50 -3.47 -16.01 -1.43
N GLN B 51 -3.82 -17.18 -0.89
CA GLN B 51 -2.83 -18.12 -0.40
C GLN B 51 -2.34 -19.04 -1.49
N LEU B 52 -1.05 -19.37 -1.43
CA LEU B 52 -0.45 -20.31 -2.37
C LEU B 52 -0.01 -21.55 -1.60
N TRP B 53 -0.62 -22.68 -1.95
CA TRP B 53 -0.34 -23.96 -1.32
C TRP B 53 0.35 -24.90 -2.29
N VAL B 54 1.37 -25.62 -1.81
CA VAL B 54 1.94 -26.74 -2.55
C VAL B 54 2.19 -27.87 -1.58
N ASP B 55 2.35 -29.09 -2.10
CA ASP B 55 2.71 -30.23 -1.27
C ASP B 55 4.21 -30.31 -1.04
N SER B 56 4.98 -29.76 -1.99
CA SER B 56 6.43 -29.73 -1.86
C SER B 56 6.96 -28.44 -2.48
N THR B 57 8.09 -27.99 -1.97
CA THR B 57 8.66 -26.70 -2.36
C THR B 57 9.16 -26.71 -3.80
N PRO B 58 8.67 -25.76 -4.61
CA PRO B 58 9.21 -25.61 -5.96
C PRO B 58 10.60 -24.94 -5.93
N PRO B 59 11.35 -25.01 -7.03
CA PRO B 59 12.74 -24.52 -7.06
C PRO B 59 12.84 -23.00 -6.94
N PRO B 60 13.98 -22.50 -6.44
CA PRO B 60 14.24 -21.06 -6.46
C PRO B 60 14.12 -20.53 -7.88
N GLY B 61 13.44 -19.41 -8.07
CA GLY B 61 13.27 -18.86 -9.40
C GLY B 61 11.86 -19.10 -9.92
N THR B 62 11.13 -19.99 -9.24
CA THR B 62 9.71 -20.17 -9.52
C THR B 62 8.99 -18.83 -9.35
N ARG B 63 8.00 -18.56 -10.21
CA ARG B 63 7.23 -17.32 -10.15
C ARG B 63 5.74 -17.62 -10.13
N VAL B 64 4.97 -16.60 -9.77
CA VAL B 64 3.52 -16.69 -9.68
C VAL B 64 2.89 -15.56 -10.49
N ARG B 65 2.09 -15.90 -11.48
CA ARG B 65 1.49 -14.93 -12.39
C ARG B 65 -0.02 -14.87 -12.21
N ALA B 66 -0.59 -13.67 -12.30
CA ALA B 66 -2.03 -13.47 -12.27
C ALA B 66 -2.47 -12.78 -13.55
N MET B 67 -3.58 -13.25 -14.10
CA MET B 67 -4.15 -12.70 -15.33
C MET B 67 -5.66 -12.80 -15.25
N ALA B 68 -6.38 -11.81 -15.77
CA ALA B 68 -7.83 -11.85 -15.82
C ALA B 68 -8.30 -12.19 -17.22
N ILE B 69 -9.37 -12.98 -17.31
CA ILE B 69 -10.09 -13.18 -18.57
C ILE B 69 -11.59 -13.05 -18.34
N TYR B 70 -12.36 -12.73 -19.38
CA TYR B 70 -13.81 -12.75 -19.24
C TYR B 70 -14.31 -14.18 -19.18
N LYS B 71 -15.31 -14.40 -18.33
CA LYS B 71 -15.85 -15.73 -18.08
C LYS B 71 -16.74 -16.22 -19.22
N GLN B 72 -17.54 -15.32 -19.80
CA GLN B 72 -18.51 -15.73 -20.83
C GLN B 72 -17.87 -15.99 -22.18
N SER B 73 -18.36 -17.02 -22.88
CA SER B 73 -17.75 -17.42 -24.14
C SER B 73 -17.72 -16.29 -25.17
N GLN B 74 -18.74 -15.45 -25.17
CA GLN B 74 -18.81 -14.35 -26.14
C GLN B 74 -17.80 -13.24 -25.88
N HIS B 75 -17.24 -13.22 -24.67
CA HIS B 75 -16.31 -12.16 -24.28
C HIS B 75 -14.89 -12.63 -24.02
N MET B 76 -14.67 -13.94 -23.98
CA MET B 76 -13.38 -14.46 -23.54
CA MET B 76 -13.38 -14.44 -23.54
C MET B 76 -12.22 -14.05 -24.44
N THR B 77 -12.48 -13.75 -25.72
CA THR B 77 -11.36 -13.33 -26.58
C THR B 77 -10.97 -11.85 -26.44
N GLU B 78 -11.74 -11.10 -25.65
CA GLU B 78 -11.44 -9.70 -25.41
C GLU B 78 -10.49 -9.52 -24.24
N VAL B 79 -9.45 -8.70 -24.42
CA VAL B 79 -8.53 -8.42 -23.33
C VAL B 79 -9.25 -7.69 -22.18
N VAL B 80 -9.07 -8.20 -20.96
CA VAL B 80 -9.61 -7.53 -19.78
C VAL B 80 -8.69 -6.35 -19.42
N ARG B 81 -9.23 -5.14 -19.39
CA ARG B 81 -8.43 -3.96 -19.09
C ARG B 81 -9.22 -2.98 -18.26
N ARG B 82 -8.54 -2.00 -17.70
CA ARG B 82 -9.24 -0.94 -16.99
C ARG B 82 -10.03 -0.05 -17.94
N CYS B 83 -11.09 0.55 -17.41
CA CYS B 83 -12.02 1.36 -18.17
C CYS B 83 -11.39 2.70 -18.58
N PRO B 84 -12.04 3.43 -19.51
CA PRO B 84 -11.46 4.68 -20.01
C PRO B 84 -11.28 5.73 -18.93
N HIS B 85 -12.08 5.68 -17.86
CA HIS B 85 -11.90 6.62 -16.76
C HIS B 85 -10.69 6.25 -15.90
N HIS B 86 -10.66 5.03 -15.40
CA HIS B 86 -9.62 4.65 -14.45
C HIS B 86 -8.22 4.56 -15.08
N GLU B 87 -8.12 4.23 -16.37
CA GLU B 87 -6.78 4.19 -16.98
C GLU B 87 -6.21 5.61 -17.09
N ARG B 88 -7.06 6.64 -16.94
CA ARG B 88 -6.63 8.03 -17.04
C ARG B 88 -6.62 8.80 -15.71
N CYS B 89 -6.70 8.11 -14.57
N CYS B 89 -6.67 8.07 -14.60
CA CYS B 89 -6.83 8.86 -13.32
CA CYS B 89 -6.80 8.67 -13.27
C CYS B 89 -5.51 8.96 -12.53
C CYS B 89 -5.50 9.08 -12.59
N SER B 90 -4.38 8.73 -13.20
CA SER B 90 -3.05 8.93 -12.60
C SER B 90 -2.87 8.24 -11.26
N ASP B 91 -3.35 7.01 -11.14
CA ASP B 91 -3.27 6.32 -9.87
C ASP B 91 -2.27 5.16 -9.88
N SER B 92 -1.36 5.15 -10.84
CA SER B 92 -0.31 4.14 -10.89
C SER B 92 0.66 4.30 -9.73
N ASP B 93 1.33 3.22 -9.37
CA ASP B 93 2.32 3.23 -8.29
C ASP B 93 3.73 3.35 -8.86
N GLY B 94 3.82 3.63 -10.16
CA GLY B 94 5.12 3.73 -10.81
C GLY B 94 5.56 2.40 -11.39
N LEU B 95 4.91 1.31 -10.96
CA LEU B 95 5.22 -0.02 -11.45
C LEU B 95 4.11 -0.54 -12.37
N ALA B 96 2.88 -0.51 -11.89
CA ALA B 96 1.75 -1.00 -12.67
C ALA B 96 1.40 -0.02 -13.78
N PRO B 97 1.32 -0.49 -15.02
CA PRO B 97 0.78 0.38 -16.07
C PRO B 97 -0.65 0.74 -15.72
N PRO B 98 -1.10 1.95 -16.07
CA PRO B 98 -2.45 2.38 -15.68
C PRO B 98 -3.56 1.56 -16.32
N GLN B 99 -3.26 0.80 -17.37
CA GLN B 99 -4.28 -0.03 -18.02
C GLN B 99 -4.56 -1.34 -17.29
N HIS B 100 -3.65 -1.77 -16.42
CA HIS B 100 -3.75 -3.12 -15.83
C HIS B 100 -4.78 -3.21 -14.71
N LEU B 101 -5.71 -4.15 -14.84
CA LEU B 101 -6.72 -4.37 -13.81
C LEU B 101 -6.12 -4.88 -12.50
N ILE B 102 -5.23 -5.86 -12.58
CA ILE B 102 -4.71 -6.53 -11.40
C ILE B 102 -3.33 -5.98 -11.04
N ARG B 103 -3.20 -5.54 -9.79
CA ARG B 103 -1.91 -5.16 -9.23
C ARG B 103 -1.53 -6.07 -8.08
N VAL B 104 -0.23 -6.17 -7.83
CA VAL B 104 0.25 -6.77 -6.59
C VAL B 104 0.60 -5.65 -5.64
N GLU B 105 0.12 -5.76 -4.41
CA GLU B 105 0.37 -4.78 -3.37
C GLU B 105 1.61 -5.14 -2.57
N GLY B 106 2.47 -4.15 -2.35
CA GLY B 106 3.60 -4.30 -1.45
C GLY B 106 4.65 -5.33 -1.85
N ASN B 107 4.95 -5.39 -3.13
CA ASN B 107 6.06 -6.21 -3.60
C ASN B 107 6.82 -5.49 -4.71
N LEU B 108 8.01 -4.97 -4.38
CA LEU B 108 8.79 -4.22 -5.35
C LEU B 108 9.38 -5.09 -6.45
N ARG B 109 9.25 -6.41 -6.32
CA ARG B 109 9.73 -7.30 -7.36
C ARG B 109 8.64 -7.72 -8.33
N ALA B 110 7.44 -7.16 -8.17
CA ALA B 110 6.37 -7.38 -9.12
C ALA B 110 6.76 -6.86 -10.50
N GLU B 111 6.48 -7.67 -11.52
CA GLU B 111 6.67 -7.25 -12.90
C GLU B 111 5.36 -7.32 -13.65
N TYR B 112 5.14 -6.35 -14.52
CA TYR B 112 3.91 -6.23 -15.27
C TYR B 112 4.20 -6.48 -16.73
N LEU B 113 3.45 -7.41 -17.32
CA LEU B 113 3.65 -7.80 -18.72
C LEU B 113 2.49 -7.36 -19.59
N ASP B 114 2.81 -6.70 -20.71
CA ASP B 114 1.90 -6.55 -21.84
C ASP B 114 2.34 -7.56 -22.88
N ASP B 115 1.59 -8.64 -23.06
CA ASP B 115 2.02 -9.70 -23.98
C ASP B 115 2.13 -9.17 -25.42
N ARG B 116 3.27 -9.40 -26.06
CA ARG B 116 3.52 -8.80 -27.37
C ARG B 116 2.65 -9.40 -28.46
N ASN B 117 2.14 -10.60 -28.23
CA ASN B 117 1.33 -11.28 -29.24
C ASN B 117 -0.17 -11.20 -28.96
N THR B 118 -0.56 -11.39 -27.70
CA THR B 118 -1.97 -11.44 -27.32
C THR B 118 -2.48 -10.12 -26.76
N PHE B 119 -1.56 -9.24 -26.38
CA PHE B 119 -1.88 -7.95 -25.75
C PHE B 119 -2.51 -8.09 -24.37
N ARG B 120 -2.55 -9.30 -23.83
CA ARG B 120 -3.09 -9.46 -22.49
C ARG B 120 -2.13 -9.01 -21.41
N HIS B 121 -2.72 -8.57 -20.30
CA HIS B 121 -1.96 -8.06 -19.17
C HIS B 121 -1.79 -9.12 -18.11
N SER B 122 -0.64 -9.11 -17.45
CA SER B 122 -0.48 -9.97 -16.28
C SER B 122 0.54 -9.35 -15.33
N VAL B 123 0.52 -9.81 -14.10
CA VAL B 123 1.49 -9.38 -13.10
C VAL B 123 2.09 -10.62 -12.48
N VAL B 124 3.41 -10.61 -12.34
CA VAL B 124 4.12 -11.79 -11.90
C VAL B 124 5.10 -11.42 -10.79
N VAL B 125 5.21 -12.27 -9.77
CA VAL B 125 6.15 -12.06 -8.68
C VAL B 125 6.96 -13.32 -8.42
N PRO B 126 8.13 -13.18 -7.79
CA PRO B 126 8.86 -14.39 -7.38
C PRO B 126 8.05 -15.17 -6.36
N CYS B 127 8.10 -16.49 -6.47
CA CYS B 127 7.49 -17.35 -5.49
C CYS B 127 8.42 -17.41 -4.29
N GLU B 128 7.91 -17.07 -3.11
CA GLU B 128 8.72 -17.16 -1.90
C GLU B 128 8.14 -18.22 -0.99
N PRO B 129 8.99 -18.88 -0.18
CA PRO B 129 8.47 -19.86 0.79
CA PRO B 129 8.47 -19.85 0.79
C PRO B 129 7.71 -19.17 1.92
N PRO B 130 6.88 -19.93 2.64
CA PRO B 130 6.14 -19.33 3.75
C PRO B 130 7.05 -18.71 4.81
N GLU B 131 6.57 -17.64 5.46
CA GLU B 131 7.29 -17.06 6.59
C GLU B 131 7.33 -18.06 7.75
N VAL B 132 8.29 -17.89 8.66
CA VAL B 132 8.35 -18.75 9.83
C VAL B 132 7.04 -18.68 10.60
N GLY B 133 6.49 -19.84 10.94
CA GLY B 133 5.23 -19.90 11.66
C GLY B 133 4.01 -19.93 10.77
N SER B 134 4.22 -19.90 9.46
CA SER B 134 3.11 -19.95 8.50
CA SER B 134 3.12 -19.95 8.51
C SER B 134 3.18 -21.22 7.66
N ASP B 135 2.03 -21.67 7.19
CA ASP B 135 1.95 -22.91 6.41
C ASP B 135 1.83 -22.66 4.92
N CYS B 136 1.68 -21.40 4.52
CA CYS B 136 1.55 -21.06 3.11
C CYS B 136 2.09 -19.67 2.86
N THR B 137 2.19 -19.33 1.58
CA THR B 137 2.61 -17.99 1.16
C THR B 137 1.37 -17.22 0.72
N THR B 138 1.32 -15.94 1.03
CA THR B 138 0.19 -15.11 0.66
C THR B 138 0.65 -14.00 -0.26
N ILE B 139 -0.09 -13.79 -1.34
CA ILE B 139 0.11 -12.63 -2.21
C ILE B 139 -1.08 -11.69 -1.99
N HIS B 140 -0.83 -10.40 -1.95
CA HIS B 140 -1.90 -9.40 -1.86
C HIS B 140 -2.16 -8.78 -3.21
N TYR B 141 -3.35 -9.02 -3.75
CA TYR B 141 -3.75 -8.43 -5.04
C TYR B 141 -4.69 -7.25 -4.83
N ASN B 142 -4.69 -6.32 -5.78
CA ASN B 142 -5.67 -5.24 -5.84
C ASN B 142 -6.34 -5.27 -7.20
N TYR B 143 -7.66 -5.12 -7.23
CA TYR B 143 -8.39 -4.99 -8.49
C TYR B 143 -8.79 -3.54 -8.68
N MET B 144 -8.46 -2.97 -9.85
CA MET B 144 -8.44 -1.52 -9.99
C MET B 144 -9.59 -0.90 -10.78
N CYS B 145 -10.63 -1.71 -11.05
CA CYS B 145 -11.90 -1.24 -11.60
C CYS B 145 -13.02 -2.03 -10.96
N TYR B 146 -14.20 -1.43 -10.91
CA TYR B 146 -15.42 -2.16 -10.54
C TYR B 146 -15.83 -3.07 -11.69
N SER B 147 -16.47 -4.19 -11.36
CA SER B 147 -17.07 -5.00 -12.41
C SER B 147 -18.01 -4.20 -13.30
N SER B 148 -18.63 -3.18 -12.74
CA SER B 148 -19.61 -2.37 -13.45
C SER B 148 -19.01 -1.23 -14.28
N CYS B 149 -17.69 -1.03 -14.27
CA CYS B 149 -17.11 0.13 -14.97
C CYS B 149 -17.43 0.13 -16.46
N MET B 150 -18.07 1.18 -16.93
CA MET B 150 -18.47 1.21 -18.33
C MET B 150 -17.27 1.48 -19.22
N GLY B 151 -17.23 0.80 -20.35
CA GLY B 151 -16.07 0.86 -21.22
C GLY B 151 -14.93 -0.03 -20.76
N GLY B 152 -15.07 -0.63 -19.58
CA GLY B 152 -14.12 -1.62 -19.10
C GLY B 152 -14.82 -2.96 -18.98
N MET B 153 -14.86 -3.52 -17.79
CA MET B 153 -15.53 -4.80 -17.61
C MET B 153 -17.02 -4.73 -17.95
N ASN B 154 -17.66 -3.58 -17.75
CA ASN B 154 -19.00 -3.35 -18.30
C ASN B 154 -20.03 -4.39 -17.82
N ARG B 155 -19.92 -4.74 -16.54
CA ARG B 155 -20.80 -5.68 -15.84
C ARG B 155 -20.58 -7.14 -16.23
N ARG B 156 -19.53 -7.40 -16.99
CA ARG B 156 -19.21 -8.76 -17.41
C ARG B 156 -18.35 -9.46 -16.39
N PRO B 157 -18.73 -10.68 -15.99
CA PRO B 157 -17.93 -11.44 -15.02
CA PRO B 157 -17.92 -11.43 -15.02
C PRO B 157 -16.55 -11.81 -15.55
N ILE B 158 -15.55 -11.78 -14.66
CA ILE B 158 -14.21 -12.21 -15.02
C ILE B 158 -13.74 -13.35 -14.13
N LEU B 159 -12.72 -14.03 -14.62
CA LEU B 159 -11.94 -14.98 -13.85
C LEU B 159 -10.53 -14.46 -13.68
N THR B 160 -9.93 -14.73 -12.53
CA THR B 160 -8.49 -14.58 -12.38
C THR B 160 -7.86 -15.96 -12.48
N ILE B 161 -6.82 -16.06 -13.30
CA ILE B 161 -6.06 -17.29 -13.46
C ILE B 161 -4.71 -17.07 -12.80
N ILE B 162 -4.38 -17.92 -11.84
CA ILE B 162 -3.09 -17.87 -11.18
C ILE B 162 -2.25 -19.04 -11.68
N THR B 163 -1.08 -18.73 -12.21
CA THR B 163 -0.19 -19.78 -12.68
CA THR B 163 -0.17 -19.73 -12.73
C THR B 163 1.13 -19.77 -11.94
N LEU B 164 1.54 -20.96 -11.55
CA LEU B 164 2.85 -21.20 -11.00
C LEU B 164 3.75 -21.52 -12.20
N GLU B 165 4.86 -20.82 -12.33
CA GLU B 165 5.74 -20.89 -13.51
CA GLU B 165 5.71 -21.03 -13.49
C GLU B 165 7.18 -21.11 -13.11
N ASP B 166 7.96 -21.75 -13.98
CA ASP B 166 9.38 -21.80 -13.72
C ASP B 166 10.01 -20.50 -14.21
N SER B 167 11.34 -20.39 -14.11
CA SER B 167 11.99 -19.11 -14.40
C SER B 167 11.95 -18.74 -15.89
N SER B 168 11.63 -19.71 -16.74
CA SER B 168 11.41 -19.47 -18.18
C SER B 168 9.98 -19.08 -18.52
N GLY B 169 9.06 -19.24 -17.56
CA GLY B 169 7.66 -18.97 -17.83
C GLY B 169 6.88 -20.22 -18.18
N ASN B 170 7.51 -21.39 -18.10
CA ASN B 170 6.81 -22.65 -18.37
C ASN B 170 5.85 -23.00 -17.24
N LEU B 171 4.73 -23.61 -17.59
CA LEU B 171 3.69 -23.93 -16.64
C LEU B 171 4.10 -25.00 -15.64
N LEU B 172 3.94 -24.71 -14.35
CA LEU B 172 4.08 -25.73 -13.30
C LEU B 172 2.75 -26.09 -12.65
N GLY B 173 1.83 -25.13 -12.59
CA GLY B 173 0.53 -25.33 -11.96
C GLY B 173 -0.41 -24.20 -12.31
N ARG B 174 -1.71 -24.45 -12.19
CA ARG B 174 -2.74 -23.47 -12.55
C ARG B 174 -3.96 -23.62 -11.66
N ASP B 175 -4.52 -22.49 -11.25
CA ASP B 175 -5.79 -22.47 -10.51
C ASP B 175 -6.52 -21.20 -10.94
N SER B 176 -7.79 -21.06 -10.58
CA SER B 176 -8.55 -19.89 -10.99
C SER B 176 -9.74 -19.67 -10.08
N PHE B 177 -10.28 -18.46 -10.15
CA PHE B 177 -11.46 -18.09 -9.38
C PHE B 177 -12.16 -16.94 -10.07
N GLU B 178 -13.48 -16.89 -9.94
CA GLU B 178 -14.25 -15.75 -10.45
C GLU B 178 -14.04 -14.55 -9.52
N VAL B 179 -14.17 -13.34 -10.05
CA VAL B 179 -14.06 -12.14 -9.25
C VAL B 179 -15.19 -11.18 -9.56
N ARG B 180 -15.79 -10.60 -8.52
CA ARG B 180 -16.67 -9.46 -8.65
C ARG B 180 -16.09 -8.33 -7.82
N VAL B 181 -15.82 -7.19 -8.46
CA VAL B 181 -15.35 -6.02 -7.74
C VAL B 181 -16.56 -5.10 -7.57
N CYS B 182 -16.92 -4.83 -6.32
CA CYS B 182 -18.18 -4.17 -6.03
C CYS B 182 -18.13 -3.38 -4.74
N ALA B 183 -19.12 -2.54 -4.53
CA ALA B 183 -19.13 -1.67 -3.36
C ALA B 183 -19.36 -2.43 -2.05
N CYS B 184 -20.17 -3.48 -2.10
CA CYS B 184 -20.56 -4.22 -0.90
CA CYS B 184 -20.52 -4.22 -0.88
C CYS B 184 -20.37 -5.72 -1.07
N PRO B 185 -19.12 -6.20 -0.98
CA PRO B 185 -18.80 -7.62 -1.19
C PRO B 185 -19.59 -8.56 -0.29
N GLY B 186 -19.77 -8.18 0.98
CA GLY B 186 -20.46 -9.02 1.93
C GLY B 186 -21.89 -9.27 1.52
N ARG B 187 -22.58 -8.18 1.18
CA ARG B 187 -23.97 -8.25 0.75
C ARG B 187 -24.09 -9.03 -0.56
N ASP B 188 -23.18 -8.77 -1.50
CA ASP B 188 -23.28 -9.42 -2.80
C ASP B 188 -22.97 -10.91 -2.69
N ARG B 189 -22.02 -11.29 -1.84
CA ARG B 189 -21.77 -12.71 -1.63
C ARG B 189 -22.99 -13.39 -1.04
N ARG B 190 -23.62 -12.77 -0.03
CA ARG B 190 -24.81 -13.36 0.58
C ARG B 190 -25.92 -13.53 -0.46
N THR B 191 -26.13 -12.50 -1.26
CA THR B 191 -27.14 -12.53 -2.30
C THR B 191 -26.90 -13.66 -3.31
N GLU B 192 -25.67 -13.74 -3.82
CA GLU B 192 -25.39 -14.72 -4.86
C GLU B 192 -25.43 -16.15 -4.32
N GLU B 193 -25.00 -16.34 -3.06
CA GLU B 193 -25.11 -17.66 -2.43
C GLU B 193 -26.57 -18.04 -2.16
N GLU B 194 -27.39 -17.04 -1.84
CA GLU B 194 -28.82 -17.25 -1.62
C GLU B 194 -29.48 -17.67 -2.92
N ASN B 195 -29.08 -17.03 -4.02
CA ASN B 195 -29.58 -17.39 -5.35
C ASN B 195 -29.19 -18.81 -5.72
N LEU B 196 -27.98 -19.21 -5.36
CA LEU B 196 -27.47 -20.54 -5.68
C LEU B 196 -28.31 -21.63 -5.04
N ARG B 197 -28.72 -21.42 -3.79
CA ARG B 197 -29.62 -22.35 -3.11
C ARG B 197 -30.98 -22.37 -3.80
N LYS B 198 -31.54 -21.18 -3.99
CA LYS B 198 -32.84 -21.02 -4.64
C LYS B 198 -32.72 -21.17 -6.15
ZN ZN C . -0.24 26.03 4.39
C1 PEG D . -4.48 7.62 24.72
O1 PEG D . -3.46 8.10 23.88
C2 PEG D . -3.87 6.78 25.85
O2 PEG D . -4.24 7.32 27.08
C3 PEG D . -3.17 7.87 27.80
C4 PEG D . -3.66 9.06 28.61
O4 PEG D . -2.57 9.86 28.96
C1 92O E . 17.01 3.56 15.92
N1 92O E . 16.61 2.37 19.29
C2 92O E . 17.59 4.29 17.10
N2 92O E . 19.75 -2.15 22.72
C3 92O E . 18.45 3.31 17.90
C4 92O E . 19.83 3.17 17.68
C5 92O E . 20.58 2.25 18.41
C6 92O E . 20.00 1.43 19.37
C7 92O E . 18.63 1.53 19.63
C8 92O E . 17.75 0.88 20.50
C9 92O E . 16.51 1.43 20.26
C10 92O E . 17.90 2.47 18.88
C11 92O E . 18.05 -0.21 21.51
C12 92O E . 18.48 -1.45 20.79
C13 92O E . 18.75 -2.58 21.75
C14 92O E . 19.38 -0.94 23.45
C15 92O E . 19.10 0.18 22.48
C1 92O F . 23.04 3.92 15.49
N1 92O F . 26.19 2.15 15.78
C2 92O F . 24.25 4.32 14.69
C3 92O F . 25.46 4.52 15.62
C4 92O F . 25.81 5.78 16.10
C5 92O F . 26.91 5.97 16.94
C6 92O F . 27.68 4.90 17.35
C7 92O F . 27.37 3.62 16.91
C8 92O F . 27.94 2.37 17.13
C9 92O F . 27.18 1.47 16.42
C10 92O F . 26.26 3.46 16.06
C11 92O F . 29.14 2.04 17.98
ZN ZN G . -12.95 1.57 -13.98
C1 92O H . 3.81 -21.72 -3.32
N1 92O H . 3.25 -23.00 0.02
C2 92O H . 4.37 -21.03 -2.09
N2 92O H . 6.26 -27.66 3.41
C3 92O H . 5.14 -22.08 -1.30
C4 92O H . 6.52 -22.26 -1.49
C5 92O H . 7.23 -23.22 -0.78
C6 92O H . 6.59 -24.04 0.15
C7 92O H . 5.22 -23.91 0.37
C8 92O H . 4.32 -24.56 1.20
C9 92O H . 3.09 -23.97 0.96
C10 92O H . 4.54 -22.93 -0.36
C11 92O H . 4.56 -25.71 2.18
C12 92O H . 5.07 -26.90 1.45
C13 92O H . 5.33 -28.07 2.37
C14 92O H . 5.77 -26.52 4.19
C15 92O H . 5.50 -25.35 3.27
C1 92O I . 9.69 -21.17 -3.39
N1 92O I . 12.76 -23.13 -3.13
C2 92O I . 10.89 -20.92 -4.27
N2 92O I . 18.31 -24.65 -0.88
C3 92O I . 12.12 -20.74 -3.39
C4 92O I . 12.54 -19.47 -2.99
C5 92O I . 13.67 -19.30 -2.18
C6 92O I . 14.41 -20.39 -1.75
C7 92O I . 14.04 -21.68 -2.12
C8 92O I . 14.57 -22.94 -1.86
C9 92O I . 13.73 -23.83 -2.51
C10 92O I . 12.90 -21.82 -2.92
C11 92O I . 15.78 -23.31 -1.04
C12 92O I . 15.89 -24.79 -0.90
C13 92O I . 17.15 -25.21 -0.20
C14 92O I . 18.26 -23.20 -1.02
C15 92O I . 17.00 -22.80 -1.73
#